data_9EAW
#
_entry.id   9EAW
#
_cell.length_a   78.233
_cell.length_b   104.516
_cell.length_c   48.256
_cell.angle_alpha   90.000
_cell.angle_beta   90.000
_cell.angle_gamma   90.000
#
_symmetry.space_group_name_H-M   'P 21 21 2'
#
loop_
_entity.id
_entity.type
_entity.pdbx_description
1 polymer 'Carbonic anhydrase'
2 non-polymer 'ZINC ION'
3 water water
#
_entity_poly.entity_id   1
_entity_poly.type   'polypeptide(L)'
_entity_poly.pdbx_seq_one_letter_code
;MKDIDTLISNNALWSKMLVEEDPGFFEKLAQAQKPRFLWIGCSDSRVPAERLTGLEPGELFVHRNVANLVIHTDLNCLSV
VQYAVDVLEVEHIIICGHYGCGGVQAAVENPELGLINNWLLHIRDIWFKHSSLLGEMPQERRLDTLCELNVMEQVYNLGH
STIMQSAWKRGQKVTIHGWAYGIHDGLLRDLDVTATNRETLEQRYRHGISNLKLKHANHK
;
_entity_poly.pdbx_strand_id   A,B
#
loop_
_chem_comp.id
_chem_comp.type
_chem_comp.name
_chem_comp.formula
ZN non-polymer 'ZINC ION' 'Zn 2'
#
# COMPACT_ATOMS: atom_id res chain seq x y z
N LYS A 2 -15.88 -5.93 15.73
CA LYS A 2 -14.51 -5.41 15.77
C LYS A 2 -14.46 -3.90 15.62
N ASP A 3 -14.25 -3.20 16.73
CA ASP A 3 -14.03 -1.76 16.72
C ASP A 3 -12.56 -1.47 16.98
N ILE A 4 -12.24 -0.18 17.06
CA ILE A 4 -10.85 0.23 17.27
C ILE A 4 -10.29 -0.37 18.55
N ASP A 5 -11.07 -0.35 19.64
CA ASP A 5 -10.58 -0.87 20.91
C ASP A 5 -10.19 -2.34 20.81
N THR A 6 -10.82 -3.08 19.90
CA THR A 6 -10.44 -4.48 19.71
C THR A 6 -9.06 -4.61 19.08
N LEU A 7 -8.76 -3.80 18.07
CA LEU A 7 -7.50 -3.93 17.33
C LEU A 7 -6.31 -3.83 18.26
N ILE A 8 -6.35 -2.89 19.20
CA ILE A 8 -5.22 -2.64 20.09
C ILE A 8 -5.00 -3.81 21.04
N SER A 9 -6.09 -4.33 21.62
CA SER A 9 -5.97 -5.46 22.54
C SER A 9 -5.67 -6.76 21.79
N ASN A 10 -6.23 -6.92 20.58
CA ASN A 10 -5.76 -7.96 19.67
C ASN A 10 -4.24 -7.94 19.58
N ASN A 11 -3.70 -6.78 19.18
CA ASN A 11 -2.27 -6.61 19.01
C ASN A 11 -1.50 -6.88 20.29
N ALA A 12 -2.02 -6.41 21.43
CA ALA A 12 -1.31 -6.53 22.70
C ALA A 12 -1.21 -7.97 23.15
N LEU A 13 -2.17 -8.80 22.75
CA LEU A 13 -2.11 -10.22 23.12
C LEU A 13 -1.45 -11.05 22.03
N TRP A 14 -1.53 -10.62 20.78
CA TRP A 14 -0.79 -11.29 19.73
C TRP A 14 0.71 -11.09 19.90
N SER A 15 1.13 -9.87 20.26
CA SER A 15 2.54 -9.64 20.55
C SER A 15 2.98 -10.42 21.78
N LYS A 16 2.14 -10.44 22.82
CA LYS A 16 2.52 -11.13 24.04
C LYS A 16 2.65 -12.64 23.82
N MET A 17 1.78 -13.23 23.00
CA MET A 17 1.92 -14.66 22.75
C MET A 17 3.21 -14.97 22.01
N LEU A 18 3.58 -14.10 21.07
CA LEU A 18 4.77 -14.36 20.27
C LEU A 18 6.04 -14.30 21.12
N VAL A 19 6.22 -13.21 21.86
CA VAL A 19 7.42 -13.08 22.71
C VAL A 19 7.48 -14.23 23.71
N GLU A 20 6.33 -14.73 24.16
CA GLU A 20 6.31 -15.88 25.06
C GLU A 20 6.60 -17.18 24.31
N GLU A 21 6.07 -17.33 23.11
CA GLU A 21 6.00 -18.65 22.48
C GLU A 21 6.79 -18.74 21.18
N ASP A 22 6.62 -17.78 20.27
CA ASP A 22 7.42 -17.80 19.05
C ASP A 22 8.38 -16.62 18.99
N PRO A 23 9.50 -16.67 19.71
CA PRO A 23 10.42 -15.51 19.70
C PRO A 23 11.18 -15.35 18.40
N GLY A 24 11.34 -16.41 17.60
CA GLY A 24 12.11 -16.31 16.36
C GLY A 24 11.47 -15.44 15.31
N PHE A 25 10.17 -15.19 15.41
CA PHE A 25 9.48 -14.27 14.51
C PHE A 25 10.12 -12.88 14.52
N PHE A 26 10.30 -12.31 15.71
CA PHE A 26 10.94 -11.00 15.80
C PHE A 26 12.42 -11.07 15.50
N GLU A 27 13.07 -12.18 15.84
CA GLU A 27 14.48 -12.30 15.52
C GLU A 27 14.67 -12.52 14.02
N LYS A 28 13.71 -13.16 13.37
CA LYS A 28 13.73 -13.23 11.91
C LYS A 28 13.63 -11.83 11.30
N LEU A 29 12.80 -10.97 11.90
CA LEU A 29 12.67 -9.61 11.42
C LEU A 29 13.98 -8.82 11.58
N ALA A 30 14.68 -9.01 12.69
CA ALA A 30 15.91 -8.24 12.91
C ALA A 30 16.98 -8.62 11.90
N GLN A 31 17.14 -9.91 11.66
CA GLN A 31 18.08 -10.39 10.66
C GLN A 31 17.48 -10.39 9.26
N ALA A 32 16.25 -9.90 9.10
CA ALA A 32 15.67 -9.83 7.77
C ALA A 32 16.52 -8.92 6.89
N GLN A 33 16.90 -9.43 5.72
CA GLN A 33 17.64 -8.63 4.77
C GLN A 33 16.68 -7.75 3.97
N LYS A 34 17.24 -6.96 3.06
CA LYS A 34 16.41 -6.11 2.23
C LYS A 34 15.41 -6.96 1.43
N PRO A 35 14.25 -6.41 1.13
CA PRO A 35 13.26 -7.17 0.34
C PRO A 35 13.73 -7.42 -1.08
N ARG A 36 13.32 -8.54 -1.64
CA ARG A 36 13.65 -8.85 -3.02
C ARG A 36 12.46 -8.67 -3.93
N PHE A 37 11.32 -8.40 -3.35
CA PHE A 37 10.10 -8.23 -4.14
C PHE A 37 9.49 -6.87 -3.87
N LEU A 38 9.10 -6.17 -4.93
CA LEU A 38 8.18 -5.03 -4.82
C LEU A 38 6.82 -5.47 -5.34
N TRP A 39 5.79 -5.33 -4.48
CA TRP A 39 4.41 -5.64 -4.82
C TRP A 39 3.65 -4.33 -4.98
N ILE A 40 3.09 -4.12 -6.16
CA ILE A 40 2.17 -3.03 -6.43
C ILE A 40 0.79 -3.64 -6.59
N GLY A 41 -0.11 -3.31 -5.67
CA GLY A 41 -1.44 -3.89 -5.67
C GLY A 41 -2.49 -2.82 -5.45
N CYS A 42 -3.74 -3.27 -5.43
CA CYS A 42 -4.89 -2.40 -5.24
C CYS A 42 -5.14 -2.14 -3.76
N SER A 43 -5.67 -0.94 -3.47
CA SER A 43 -6.07 -0.57 -2.12
C SER A 43 -7.17 -1.46 -1.55
N ASP A 44 -8.00 -2.10 -2.40
CA ASP A 44 -8.99 -3.06 -1.89
C ASP A 44 -8.33 -4.13 -1.02
N SER A 45 -7.13 -4.56 -1.40
CA SER A 45 -6.35 -5.57 -0.68
C SER A 45 -7.21 -6.75 -0.24
N ARG A 46 -7.94 -7.31 -1.20
CA ARG A 46 -8.99 -8.28 -0.86
C ARG A 46 -8.38 -9.49 -0.16
N VAL A 47 -7.35 -10.08 -0.76
CA VAL A 47 -6.44 -10.98 -0.05
C VAL A 47 -5.12 -10.25 0.14
N PRO A 48 -4.58 -10.18 1.34
CA PRO A 48 -3.25 -9.57 1.52
C PRO A 48 -2.17 -10.36 0.78
N ALA A 49 -1.19 -9.62 0.26
CA ALA A 49 -0.17 -10.21 -0.61
C ALA A 49 0.60 -11.32 0.08
N GLU A 50 0.87 -11.15 1.38
CA GLU A 50 1.69 -12.10 2.13
C GLU A 50 1.02 -13.47 2.17
N ARG A 51 -0.27 -13.52 2.54
CA ARG A 51 -1.00 -14.78 2.54
C ARG A 51 -1.15 -15.37 1.14
N LEU A 52 -1.25 -14.52 0.12
CA LEU A 52 -1.38 -14.99 -1.25
C LEU A 52 -0.15 -15.75 -1.72
N THR A 53 1.04 -15.33 -1.28
CA THR A 53 2.29 -15.85 -1.78
C THR A 53 3.13 -16.54 -0.71
N GLY A 54 2.74 -16.46 0.56
CA GLY A 54 3.53 -17.05 1.64
C GLY A 54 4.80 -16.31 1.98
N LEU A 55 4.94 -15.06 1.58
CA LEU A 55 6.14 -14.32 1.90
C LEU A 55 6.17 -13.94 3.38
N GLU A 56 7.35 -14.03 3.98
CA GLU A 56 7.51 -13.65 5.37
C GLU A 56 7.46 -12.13 5.50
N PRO A 57 7.18 -11.63 6.70
CA PRO A 57 7.34 -10.19 6.96
C PRO A 57 8.73 -9.69 6.56
N GLY A 58 8.77 -8.51 5.94
CA GLY A 58 10.01 -7.94 5.48
C GLY A 58 10.52 -8.45 4.15
N GLU A 59 9.93 -9.49 3.58
CA GLU A 59 10.46 -10.00 2.33
C GLU A 59 9.95 -9.23 1.12
N LEU A 60 8.89 -8.44 1.27
CA LEU A 60 8.36 -7.69 0.14
C LEU A 60 8.14 -6.23 0.50
N PHE A 61 8.33 -5.39 -0.50
CA PHE A 61 8.07 -3.96 -0.44
C PHE A 61 6.74 -3.72 -1.13
N VAL A 62 5.84 -2.97 -0.50
CA VAL A 62 4.47 -2.87 -0.99
C VAL A 62 4.08 -1.44 -1.32
N HIS A 63 3.49 -1.25 -2.49
CA HIS A 63 2.71 -0.05 -2.75
C HIS A 63 1.28 -0.46 -3.07
N ARG A 64 0.33 0.38 -2.67
CA ARG A 64 -1.08 0.16 -2.97
C ARG A 64 -1.76 1.48 -3.24
N ASN A 65 -2.58 1.50 -4.31
CA ASN A 65 -3.41 2.64 -4.66
C ASN A 65 -4.66 2.10 -5.36
N VAL A 66 -5.59 2.99 -5.69
CA VAL A 66 -6.88 2.51 -6.18
C VAL A 66 -6.69 1.91 -7.57
N ALA A 67 -6.98 0.61 -7.70
CA ALA A 67 -6.90 -0.14 -8.95
C ALA A 67 -5.47 -0.37 -9.45
N ASN A 68 -4.50 -0.44 -8.53
CA ASN A 68 -3.09 -0.78 -8.81
C ASN A 68 -2.59 -0.11 -10.10
N LEU A 69 -2.53 1.22 -10.08
CA LEU A 69 -2.08 1.96 -11.25
C LEU A 69 -0.63 2.41 -11.12
N VAL A 70 0.05 2.49 -12.27
CA VAL A 70 1.30 3.20 -12.43
C VAL A 70 1.05 4.30 -13.47
N ILE A 71 0.70 5.51 -13.00
CA ILE A 71 0.59 6.65 -13.92
C ILE A 71 1.98 7.18 -14.22
N HIS A 72 2.23 7.51 -15.50
CA HIS A 72 3.53 8.00 -15.96
C HIS A 72 4.10 9.06 -15.02
N THR A 73 3.23 9.84 -14.39
CA THR A 73 3.68 11.02 -13.66
C THR A 73 3.14 11.06 -12.23
N ASP A 74 2.82 9.92 -11.63
CA ASP A 74 2.51 9.86 -10.21
C ASP A 74 3.80 9.69 -9.42
N LEU A 75 4.24 10.76 -8.77
CA LEU A 75 5.45 10.69 -7.98
C LEU A 75 5.30 9.79 -6.75
N ASN A 76 4.10 9.66 -6.17
CA ASN A 76 3.93 8.71 -5.08
C ASN A 76 4.45 7.33 -5.50
N CYS A 77 3.86 6.76 -6.56
CA CYS A 77 4.26 5.42 -6.98
C CYS A 77 5.65 5.41 -7.61
N LEU A 78 5.97 6.41 -8.43
CA LEU A 78 7.31 6.46 -9.03
C LEU A 78 8.40 6.46 -7.96
N SER A 79 8.15 7.13 -6.82
CA SER A 79 9.13 7.19 -5.75
C SER A 79 9.28 5.86 -5.01
N VAL A 80 8.18 5.12 -4.86
CA VAL A 80 8.28 3.77 -4.35
C VAL A 80 9.14 2.92 -5.28
N VAL A 81 8.91 3.01 -6.59
CA VAL A 81 9.66 2.20 -7.55
C VAL A 81 11.13 2.59 -7.58
N GLN A 82 11.42 3.89 -7.70
CA GLN A 82 12.82 4.34 -7.71
C GLN A 82 13.56 3.81 -6.49
N TYR A 83 12.96 3.95 -5.31
CA TYR A 83 13.60 3.46 -4.09
C TYR A 83 13.76 1.95 -4.12
N ALA A 84 12.73 1.24 -4.61
CA ALA A 84 12.79 -0.21 -4.71
C ALA A 84 13.89 -0.68 -5.66
N VAL A 85 14.01 -0.04 -6.82
CA VAL A 85 14.95 -0.54 -7.82
C VAL A 85 16.35 0.00 -7.57
N ASP A 86 16.47 1.29 -7.31
CA ASP A 86 17.81 1.86 -7.21
C ASP A 86 18.42 1.75 -5.82
N VAL A 87 17.62 1.75 -4.75
CA VAL A 87 18.20 1.71 -3.41
C VAL A 87 18.16 0.28 -2.87
N LEU A 88 16.96 -0.30 -2.76
CA LEU A 88 16.87 -1.68 -2.28
C LEU A 88 17.33 -2.71 -3.31
N GLU A 89 17.30 -2.36 -4.60
CA GLU A 89 17.65 -3.28 -5.70
C GLU A 89 16.79 -4.54 -5.70
N VAL A 90 15.47 -4.35 -5.71
CA VAL A 90 14.60 -5.52 -5.82
C VAL A 90 14.89 -6.21 -7.13
N GLU A 91 14.64 -7.51 -7.17
CA GLU A 91 14.82 -8.32 -8.37
C GLU A 91 13.52 -8.57 -9.12
N HIS A 92 12.39 -8.46 -8.45
CA HIS A 92 11.08 -8.70 -9.07
C HIS A 92 10.13 -7.59 -8.67
N ILE A 93 9.47 -7.00 -9.65
CA ILE A 93 8.32 -6.15 -9.40
C ILE A 93 7.08 -6.91 -9.85
N ILE A 94 6.09 -6.99 -8.99
CA ILE A 94 4.86 -7.69 -9.34
C ILE A 94 3.75 -6.67 -9.33
N ILE A 95 3.05 -6.55 -10.44
CA ILE A 95 1.82 -5.77 -10.45
C ILE A 95 0.67 -6.76 -10.41
N CYS A 96 -0.25 -6.58 -9.46
CA CYS A 96 -1.29 -7.57 -9.21
C CYS A 96 -2.65 -6.90 -9.15
N GLY A 97 -3.51 -7.22 -10.11
CA GLY A 97 -4.89 -6.80 -10.08
C GLY A 97 -5.77 -7.89 -9.50
N HIS A 98 -7.06 -7.59 -9.38
CA HIS A 98 -8.00 -8.59 -8.91
C HIS A 98 -9.35 -8.44 -9.59
N TYR A 99 -9.84 -9.55 -10.12
CA TYR A 99 -11.18 -9.62 -10.69
C TYR A 99 -12.22 -9.16 -9.68
N GLY A 100 -13.13 -8.29 -10.13
CA GLY A 100 -14.13 -7.74 -9.24
C GLY A 100 -13.66 -6.52 -8.48
N CYS A 101 -12.55 -5.92 -8.90
CA CYS A 101 -12.04 -4.73 -8.23
C CYS A 101 -13.05 -3.59 -8.37
N GLY A 102 -13.34 -2.90 -7.26
CA GLY A 102 -14.33 -1.84 -7.26
C GLY A 102 -13.91 -0.59 -8.05
N GLY A 103 -12.61 -0.31 -8.10
CA GLY A 103 -12.15 0.82 -8.90
C GLY A 103 -12.38 0.57 -10.38
N VAL A 104 -12.08 -0.65 -10.84
CA VAL A 104 -12.22 -0.96 -12.26
C VAL A 104 -13.68 -0.89 -12.67
N GLN A 105 -14.54 -1.49 -11.85
CA GLN A 105 -15.96 -1.43 -12.12
C GLN A 105 -16.49 -0.01 -12.06
N ALA A 106 -16.02 0.79 -11.09
CA ALA A 106 -16.45 2.18 -11.05
C ALA A 106 -16.03 2.94 -12.30
N ALA A 107 -14.89 2.57 -12.91
CA ALA A 107 -14.46 3.27 -14.11
C ALA A 107 -15.38 2.98 -15.29
N VAL A 108 -16.06 1.84 -15.32
CA VAL A 108 -16.95 1.52 -16.43
C VAL A 108 -18.33 2.10 -16.22
N GLU A 109 -18.92 1.84 -15.04
CA GLU A 109 -20.23 2.39 -14.70
C GLU A 109 -20.19 3.91 -14.61
N ASN A 110 -19.09 4.45 -14.14
CA ASN A 110 -18.86 5.88 -14.12
C ASN A 110 -19.88 6.66 -13.30
N PRO A 111 -20.08 6.31 -12.03
CA PRO A 111 -20.92 7.15 -11.17
C PRO A 111 -20.18 8.42 -10.76
N GLU A 112 -20.97 9.40 -10.33
CA GLU A 112 -20.42 10.69 -9.93
C GLU A 112 -19.89 10.56 -8.49
N LEU A 113 -18.65 10.08 -8.37
CA LEU A 113 -18.09 9.76 -7.06
C LEU A 113 -17.26 10.88 -6.46
N GLY A 114 -16.86 11.87 -7.25
CA GLY A 114 -16.04 12.94 -6.73
C GLY A 114 -14.60 12.87 -7.20
N LEU A 115 -13.66 13.25 -6.33
CA LEU A 115 -12.26 13.43 -6.69
C LEU A 115 -11.67 12.19 -7.35
N ILE A 116 -12.06 11.00 -6.86
CA ILE A 116 -11.52 9.73 -7.30
C ILE A 116 -11.73 9.49 -8.79
N ASN A 117 -12.76 10.10 -9.38
CA ASN A 117 -13.05 9.86 -10.78
C ASN A 117 -11.89 10.28 -11.69
N ASN A 118 -11.07 11.24 -11.25
CA ASN A 118 -9.95 11.64 -12.10
C ASN A 118 -8.91 10.53 -12.15
N TRP A 119 -8.59 9.95 -10.98
CA TRP A 119 -7.70 8.79 -10.93
C TRP A 119 -8.19 7.71 -11.89
N LEU A 120 -9.48 7.39 -11.79
CA LEU A 120 -10.09 6.35 -12.59
C LEU A 120 -10.12 6.67 -14.09
N LEU A 121 -10.00 7.94 -14.49
CA LEU A 121 -9.97 8.24 -15.91
C LEU A 121 -8.86 7.50 -16.64
N HIS A 122 -7.80 7.09 -15.92
CA HIS A 122 -6.74 6.30 -16.51
C HIS A 122 -7.20 4.89 -16.87
N ILE A 123 -8.30 4.42 -16.29
CA ILE A 123 -8.85 3.11 -16.65
C ILE A 123 -9.89 3.22 -17.73
N ARG A 124 -10.75 4.25 -17.67
CA ARG A 124 -11.65 4.51 -18.79
C ARG A 124 -10.85 4.60 -20.08
N ASP A 125 -9.64 5.16 -20.01
CA ASP A 125 -8.80 5.27 -21.20
C ASP A 125 -8.39 3.89 -21.72
N ILE A 126 -8.10 2.95 -20.83
CA ILE A 126 -7.82 1.59 -21.27
C ILE A 126 -9.06 0.96 -21.86
N TRP A 127 -10.21 1.13 -21.18
CA TRP A 127 -11.47 0.59 -21.67
C TRP A 127 -11.76 1.04 -23.09
N PHE A 128 -11.47 2.30 -23.40
CA PHE A 128 -11.75 2.82 -24.73
C PHE A 128 -10.62 2.47 -25.70
N LYS A 129 -9.38 2.39 -25.21
CA LYS A 129 -8.30 1.92 -26.06
C LYS A 129 -8.57 0.53 -26.61
N HIS A 130 -9.11 -0.36 -25.77
CA HIS A 130 -9.37 -1.71 -26.21
C HIS A 130 -10.86 -1.92 -26.45
N SER A 131 -11.45 -1.05 -27.26
CA SER A 131 -12.90 -1.10 -27.44
C SER A 131 -13.31 -2.32 -28.26
N SER A 132 -12.63 -2.54 -29.39
CA SER A 132 -13.03 -3.63 -30.28
C SER A 132 -12.70 -4.98 -29.67
N LEU A 133 -11.53 -5.08 -29.07
CA LEU A 133 -11.16 -6.29 -28.36
C LEU A 133 -12.20 -6.62 -27.31
N LEU A 134 -12.61 -5.62 -26.53
CA LEU A 134 -13.61 -5.87 -25.50
C LEU A 134 -14.99 -6.12 -26.09
N GLY A 135 -15.32 -5.46 -27.21
CA GLY A 135 -16.62 -5.70 -27.82
C GLY A 135 -16.83 -7.15 -28.21
N GLU A 136 -15.82 -7.76 -28.84
CA GLU A 136 -15.91 -9.10 -29.44
C GLU A 136 -16.32 -10.17 -28.45
N MET A 137 -16.34 -9.83 -27.17
CA MET A 137 -16.54 -10.79 -26.11
C MET A 137 -17.91 -10.65 -25.49
N PRO A 138 -18.45 -11.74 -24.93
CA PRO A 138 -19.74 -11.64 -24.25
C PRO A 138 -19.66 -10.70 -23.06
N GLN A 139 -20.76 -9.98 -22.83
CA GLN A 139 -20.81 -8.90 -21.84
C GLN A 139 -20.23 -9.33 -20.51
N GLU A 140 -20.49 -10.57 -20.11
CA GLU A 140 -20.17 -11.02 -18.76
C GLU A 140 -18.68 -11.25 -18.55
N ARG A 141 -17.85 -11.19 -19.59
CA ARG A 141 -16.41 -11.33 -19.40
C ARG A 141 -15.66 -10.01 -19.52
N ARG A 142 -16.34 -8.90 -19.85
CA ARG A 142 -15.60 -7.68 -20.18
C ARG A 142 -14.96 -7.06 -18.96
N LEU A 143 -15.58 -7.17 -17.79
CA LEU A 143 -15.03 -6.54 -16.60
C LEU A 143 -13.74 -7.24 -16.16
N ASP A 144 -13.72 -8.57 -16.17
CA ASP A 144 -12.50 -9.28 -15.79
C ASP A 144 -11.41 -9.08 -16.84
N THR A 145 -11.80 -9.08 -18.12
CA THR A 145 -10.83 -8.78 -19.18
C THR A 145 -10.21 -7.41 -18.98
N LEU A 146 -11.03 -6.41 -18.68
CA LEU A 146 -10.49 -5.08 -18.44
C LEU A 146 -9.53 -5.10 -17.25
N CYS A 147 -9.89 -5.83 -16.19
CA CYS A 147 -8.98 -5.98 -15.06
C CYS A 147 -7.62 -6.49 -15.52
N GLU A 148 -7.62 -7.46 -16.44
CA GLU A 148 -6.38 -7.98 -17.00
C GLU A 148 -5.67 -6.95 -17.87
N LEU A 149 -6.42 -6.29 -18.76
CA LEU A 149 -5.84 -5.25 -19.61
C LEU A 149 -5.19 -4.15 -18.78
N ASN A 150 -5.89 -3.68 -17.75
CA ASN A 150 -5.32 -2.69 -16.84
C ASN A 150 -3.95 -3.13 -16.32
N VAL A 151 -3.86 -4.36 -15.79
CA VAL A 151 -2.57 -4.85 -15.27
C VAL A 151 -1.51 -4.83 -16.36
N MET A 152 -1.84 -5.35 -17.55
CA MET A 152 -0.86 -5.34 -18.64
C MET A 152 -0.41 -3.92 -18.99
N GLU A 153 -1.36 -2.97 -19.05
CA GLU A 153 -1.00 -1.60 -19.38
C GLU A 153 -0.09 -0.97 -18.34
N GLN A 154 -0.29 -1.31 -17.05
CA GLN A 154 0.56 -0.74 -16.00
C GLN A 154 1.93 -1.40 -15.97
N VAL A 155 2.02 -2.68 -16.36
CA VAL A 155 3.33 -3.26 -16.62
C VAL A 155 4.02 -2.48 -17.73
N TYR A 156 3.31 -2.27 -18.83
CA TYR A 156 3.83 -1.49 -19.95
C TYR A 156 4.30 -0.11 -19.49
N ASN A 157 3.49 0.56 -18.67
CA ASN A 157 3.87 1.88 -18.17
C ASN A 157 5.12 1.81 -17.29
N LEU A 158 5.18 0.82 -16.40
CA LEU A 158 6.31 0.72 -15.49
C LEU A 158 7.62 0.52 -16.25
N GLY A 159 7.60 -0.35 -17.26
CA GLY A 159 8.81 -0.57 -18.04
C GLY A 159 9.24 0.64 -18.83
N HIS A 160 8.29 1.51 -19.20
CA HIS A 160 8.63 2.69 -19.99
C HIS A 160 9.13 3.89 -19.15
N SER A 161 9.19 3.77 -17.83
CA SER A 161 9.60 4.88 -16.98
C SER A 161 11.12 5.00 -16.95
N THR A 162 11.59 6.20 -16.56
CA THR A 162 13.02 6.42 -16.47
C THR A 162 13.68 5.46 -15.50
N ILE A 163 12.98 5.04 -14.45
CA ILE A 163 13.58 4.14 -13.48
C ILE A 163 13.94 2.82 -14.16
N MET A 164 12.97 2.17 -14.82
CA MET A 164 13.24 0.88 -15.44
C MET A 164 14.13 1.02 -16.67
N GLN A 165 13.94 2.09 -17.45
CA GLN A 165 14.75 2.24 -18.65
C GLN A 165 16.23 2.27 -18.28
N SER A 166 16.59 3.12 -17.32
CA SER A 166 17.97 3.19 -16.86
C SER A 166 18.44 1.87 -16.27
N ALA A 167 17.59 1.23 -15.47
CA ALA A 167 18.03 -0.01 -14.82
C ALA A 167 18.36 -1.07 -15.85
N TRP A 168 17.55 -1.19 -16.89
CA TRP A 168 17.78 -2.21 -17.90
C TRP A 168 18.94 -1.83 -18.82
N LYS A 169 19.09 -0.54 -19.12
CA LYS A 169 20.22 -0.12 -19.94
C LYS A 169 21.53 -0.46 -19.27
N ARG A 170 21.63 -0.23 -17.96
CA ARG A 170 22.86 -0.50 -17.23
C ARG A 170 22.98 -1.96 -16.79
N GLY A 171 22.14 -2.85 -17.28
CA GLY A 171 22.27 -4.27 -17.03
C GLY A 171 21.71 -4.78 -15.72
N GLN A 172 20.99 -3.97 -14.95
CA GLN A 172 20.47 -4.48 -13.69
C GLN A 172 19.36 -5.50 -13.95
N LYS A 173 19.43 -6.65 -13.28
CA LYS A 173 18.46 -7.72 -13.48
C LYS A 173 17.21 -7.41 -12.66
N VAL A 174 16.19 -6.92 -13.34
CA VAL A 174 14.90 -6.60 -12.76
C VAL A 174 13.84 -7.20 -13.65
N THR A 175 12.91 -7.93 -13.06
CA THR A 175 11.85 -8.56 -13.83
C THR A 175 10.51 -8.06 -13.34
N ILE A 176 9.66 -7.67 -14.29
CA ILE A 176 8.30 -7.19 -14.03
C ILE A 176 7.33 -8.30 -14.36
N HIS A 177 6.37 -8.53 -13.47
CA HIS A 177 5.36 -9.56 -13.65
C HIS A 177 3.99 -8.93 -13.58
N GLY A 178 3.10 -9.37 -14.46
CA GLY A 178 1.69 -9.00 -14.38
C GLY A 178 0.81 -10.13 -13.90
N TRP A 179 0.24 -9.99 -12.69
CA TRP A 179 -0.56 -11.03 -12.07
C TRP A 179 -1.97 -10.53 -11.78
N ALA A 180 -2.87 -11.48 -11.56
CA ALA A 180 -4.23 -11.21 -11.14
C ALA A 180 -4.73 -12.44 -10.42
N TYR A 181 -5.66 -12.26 -9.48
CA TYR A 181 -6.29 -13.40 -8.82
C TYR A 181 -7.79 -13.17 -8.74
N GLY A 182 -8.54 -14.28 -8.70
CA GLY A 182 -9.97 -14.23 -8.52
C GLY A 182 -10.42 -14.46 -7.07
N ILE A 183 -11.64 -14.02 -6.78
CA ILE A 183 -12.15 -14.15 -5.42
C ILE A 183 -12.67 -15.54 -5.11
N HIS A 184 -12.94 -16.36 -6.13
CA HIS A 184 -13.49 -17.69 -5.91
C HIS A 184 -12.45 -18.66 -5.35
N ASP A 185 -11.17 -18.45 -5.66
CA ASP A 185 -10.14 -19.42 -5.32
C ASP A 185 -8.83 -18.81 -4.83
N GLY A 186 -8.64 -17.50 -4.91
CA GLY A 186 -7.36 -16.93 -4.54
C GLY A 186 -6.21 -17.47 -5.35
N LEU A 187 -6.49 -18.07 -6.49
CA LEU A 187 -5.48 -18.63 -7.37
C LEU A 187 -4.85 -17.52 -8.20
N LEU A 188 -3.56 -17.27 -7.98
CA LEU A 188 -2.85 -16.35 -8.87
C LEU A 188 -2.87 -16.87 -10.30
N ARG A 189 -3.09 -15.96 -11.23
CA ARG A 189 -3.01 -16.20 -12.67
C ARG A 189 -1.97 -15.25 -13.25
N ASP A 190 -1.02 -15.80 -14.00
CA ASP A 190 0.04 -15.04 -14.65
C ASP A 190 -0.49 -14.48 -15.95
N LEU A 191 -0.34 -13.18 -16.15
CA LEU A 191 -0.80 -12.62 -17.41
C LEU A 191 0.21 -12.78 -18.52
N ASP A 192 1.37 -13.39 -18.21
CA ASP A 192 2.34 -13.79 -19.22
C ASP A 192 2.89 -12.58 -20.00
N VAL A 193 3.15 -11.48 -19.30
CA VAL A 193 3.75 -10.32 -19.94
C VAL A 193 5.06 -10.00 -19.25
N THR A 194 5.75 -11.04 -18.81
CA THR A 194 6.94 -10.85 -18.00
C THR A 194 8.05 -10.20 -18.81
N ALA A 195 8.64 -9.15 -18.26
CA ALA A 195 9.66 -8.39 -18.95
C ALA A 195 10.94 -8.40 -18.12
N THR A 196 12.06 -8.69 -18.77
CA THR A 196 13.37 -8.61 -18.14
C THR A 196 14.25 -7.52 -18.74
N ASN A 197 13.88 -6.94 -19.88
CA ASN A 197 14.61 -5.84 -20.51
C ASN A 197 13.64 -5.15 -21.46
N ARG A 198 14.14 -4.13 -22.18
CA ARG A 198 13.29 -3.35 -23.08
CA ARG A 198 13.27 -3.36 -23.08
C ARG A 198 12.71 -4.24 -24.18
N GLU A 199 13.51 -5.19 -24.65
CA GLU A 199 13.10 -6.06 -25.74
C GLU A 199 11.91 -6.93 -25.35
N THR A 200 12.05 -7.65 -24.23
CA THR A 200 10.93 -8.50 -23.82
C THR A 200 9.75 -7.66 -23.40
N LEU A 201 9.99 -6.46 -22.88
CA LEU A 201 8.89 -5.58 -22.48
C LEU A 201 7.91 -5.43 -23.64
N GLU A 202 8.42 -5.11 -24.83
CA GLU A 202 7.53 -4.82 -25.96
C GLU A 202 6.92 -6.10 -26.54
N GLN A 203 7.72 -7.14 -26.73
CA GLN A 203 7.19 -8.39 -27.27
C GLN A 203 6.10 -8.96 -26.37
N ARG A 204 6.38 -9.13 -25.06
CA ARG A 204 5.40 -9.75 -24.18
C ARG A 204 4.13 -8.90 -24.05
N TYR A 205 4.29 -7.59 -23.94
CA TYR A 205 3.11 -6.73 -23.95
C TYR A 205 2.30 -6.95 -25.22
N ARG A 206 2.96 -6.89 -26.36
CA ARG A 206 2.25 -7.04 -27.62
C ARG A 206 1.60 -8.41 -27.72
N HIS A 207 2.28 -9.45 -27.22
CA HIS A 207 1.67 -10.77 -27.22
C HIS A 207 0.51 -10.85 -26.24
N GLY A 208 0.65 -10.20 -25.09
CA GLY A 208 -0.42 -10.23 -24.09
C GLY A 208 -1.72 -9.68 -24.64
N ILE A 209 -1.64 -8.54 -25.34
CA ILE A 209 -2.82 -8.00 -26.00
C ILE A 209 -3.29 -8.93 -27.11
N SER A 210 -2.36 -9.60 -27.80
CA SER A 210 -2.74 -10.47 -28.92
C SER A 210 -3.58 -11.66 -28.45
N ASN A 211 -3.25 -12.23 -27.29
CA ASN A 211 -3.97 -13.40 -26.79
C ASN A 211 -5.40 -13.09 -26.41
N LEU A 212 -5.67 -11.87 -25.94
CA LEU A 212 -7.06 -11.54 -25.60
C LEU A 212 -7.93 -11.39 -26.84
N LYS A 213 -7.34 -11.05 -28.00
CA LYS A 213 -8.09 -10.92 -29.23
C LYS A 213 -8.29 -12.28 -29.91
N LEU A 214 -9.27 -12.35 -30.78
CA LEU A 214 -9.63 -13.63 -31.38
C LEU A 214 -9.06 -13.82 -32.77
N LYS B 2 14.36 -18.23 -2.46
CA LYS B 2 13.01 -18.19 -3.03
C LYS B 2 12.93 -17.33 -4.28
N ASP B 3 12.40 -17.91 -5.36
CA ASP B 3 12.15 -17.15 -6.58
C ASP B 3 10.66 -17.17 -6.94
N ILE B 4 10.33 -16.81 -8.18
CA ILE B 4 8.94 -16.55 -8.54
C ILE B 4 8.12 -17.84 -8.58
N ASP B 5 8.70 -18.92 -9.13
CA ASP B 5 7.99 -20.21 -9.15
C ASP B 5 7.60 -20.64 -7.74
N THR B 6 8.42 -20.30 -6.74
CA THR B 6 8.09 -20.64 -5.36
C THR B 6 6.78 -19.97 -4.94
N LEU B 7 6.63 -18.67 -5.20
CA LEU B 7 5.41 -17.97 -4.85
C LEU B 7 4.19 -18.61 -5.51
N ILE B 8 4.34 -19.05 -6.76
CA ILE B 8 3.23 -19.67 -7.47
C ILE B 8 2.80 -20.96 -6.78
N SER B 9 3.77 -21.77 -6.35
CA SER B 9 3.40 -23.03 -5.71
C SER B 9 2.91 -22.80 -4.29
N ASN B 10 3.49 -21.83 -3.57
CA ASN B 10 2.94 -21.43 -2.28
C ASN B 10 1.48 -21.00 -2.42
N ASN B 11 1.19 -20.23 -3.47
CA ASN B 11 -0.18 -19.75 -3.67
C ASN B 11 -1.12 -20.91 -3.94
N ALA B 12 -0.70 -21.86 -4.79
CA ALA B 12 -1.55 -23.00 -5.11
C ALA B 12 -1.84 -23.81 -3.86
N LEU B 13 -0.81 -24.10 -3.06
CA LEU B 13 -1.01 -24.87 -1.83
C LEU B 13 -1.75 -24.08 -0.77
N TRP B 14 -1.75 -22.75 -0.85
CA TRP B 14 -2.58 -21.95 0.05
C TRP B 14 -4.05 -22.00 -0.36
N SER B 15 -4.31 -21.87 -1.67
CA SER B 15 -5.68 -21.93 -2.17
C SER B 15 -6.39 -23.22 -1.75
N LYS B 16 -5.72 -24.36 -1.89
CA LYS B 16 -6.38 -25.64 -1.61
C LYS B 16 -6.64 -25.82 -0.11
N MET B 17 -5.69 -25.44 0.75
CA MET B 17 -5.91 -25.54 2.19
C MET B 17 -6.96 -24.55 2.70
N LEU B 18 -7.44 -23.63 1.85
CA LEU B 18 -8.60 -22.82 2.19
C LEU B 18 -9.90 -23.50 1.75
N VAL B 19 -9.97 -23.94 0.50
CA VAL B 19 -11.21 -24.49 -0.04
C VAL B 19 -11.61 -25.79 0.64
N GLU B 20 -10.66 -26.50 1.25
CA GLU B 20 -10.97 -27.74 1.98
C GLU B 20 -11.16 -27.52 3.48
N GLU B 21 -10.31 -26.70 4.10
CA GLU B 21 -10.30 -26.49 5.54
C GLU B 21 -11.14 -25.29 5.98
N ASP B 22 -11.17 -24.23 5.19
CA ASP B 22 -11.86 -22.98 5.55
C ASP B 22 -12.68 -22.50 4.36
N PRO B 23 -13.73 -23.26 3.99
CA PRO B 23 -14.53 -22.85 2.81
C PRO B 23 -15.28 -21.54 3.02
N GLY B 24 -15.61 -21.19 4.26
CA GLY B 24 -16.27 -19.93 4.57
C GLY B 24 -15.34 -18.73 4.55
N PHE B 25 -14.26 -18.82 3.78
CA PHE B 25 -13.34 -17.70 3.57
C PHE B 25 -13.66 -16.99 2.26
N PHE B 26 -13.67 -17.72 1.15
CA PHE B 26 -14.03 -17.11 -0.12
C PHE B 26 -15.50 -16.72 -0.15
N GLU B 27 -16.33 -17.41 0.63
CA GLU B 27 -17.72 -16.96 0.80
C GLU B 27 -17.77 -15.62 1.51
N LYS B 28 -17.05 -15.50 2.65
CA LYS B 28 -17.00 -14.24 3.40
C LYS B 28 -16.52 -13.09 2.53
N LEU B 29 -15.71 -13.37 1.51
CA LEU B 29 -15.24 -12.37 0.57
C LEU B 29 -16.18 -12.18 -0.60
N ALA B 30 -16.93 -13.22 -0.97
CA ALA B 30 -17.94 -13.08 -2.00
C ALA B 30 -18.92 -11.96 -1.64
N GLN B 31 -19.44 -11.99 -0.40
CA GLN B 31 -20.24 -10.90 0.11
C GLN B 31 -19.40 -9.63 0.21
N ALA B 32 -19.65 -8.67 -0.67
CA ALA B 32 -18.88 -7.42 -0.72
C ALA B 32 -19.25 -6.56 0.50
N GLN B 33 -18.68 -6.93 1.65
CA GLN B 33 -18.84 -6.16 2.87
C GLN B 33 -17.73 -5.12 2.96
N LYS B 34 -18.11 -3.85 3.13
CA LYS B 34 -17.18 -2.75 2.89
C LYS B 34 -16.24 -2.54 4.08
N PRO B 35 -14.98 -2.17 3.83
CA PRO B 35 -14.04 -1.99 4.94
C PRO B 35 -14.47 -0.85 5.85
N ARG B 36 -14.33 -1.05 7.15
CA ARG B 36 -14.55 0.00 8.14
C ARG B 36 -13.28 0.79 8.46
N PHE B 37 -12.12 0.38 7.97
CA PHE B 37 -10.86 1.00 8.34
C PHE B 37 -10.03 1.32 7.09
N LEU B 38 -9.41 2.49 7.09
CA LEU B 38 -8.36 2.82 6.13
C LEU B 38 -7.05 2.82 6.90
N TRP B 39 -6.13 1.98 6.46
CA TRP B 39 -4.78 1.90 7.01
C TRP B 39 -3.83 2.54 6.02
N ILE B 40 -3.15 3.60 6.45
CA ILE B 40 -2.11 4.28 5.67
C ILE B 40 -0.79 3.92 6.33
N GLY B 41 -0.03 3.03 5.69
CA GLY B 41 1.21 2.53 6.25
C GLY B 41 2.37 2.83 5.34
N CYS B 42 3.53 2.33 5.72
CA CYS B 42 4.73 2.50 4.92
C CYS B 42 5.01 1.24 4.10
N SER B 43 5.43 1.46 2.86
CA SER B 43 5.83 0.41 1.97
C SER B 43 6.78 -0.63 2.58
N ASP B 44 7.55 -0.26 3.60
CA ASP B 44 8.38 -1.22 4.31
C ASP B 44 7.58 -2.43 4.82
N SER B 45 6.32 -2.24 5.19
CA SER B 45 5.46 -3.30 5.74
C SER B 45 6.22 -4.34 6.52
N ARG B 46 6.89 -3.90 7.57
CA ARG B 46 7.68 -4.79 8.37
C ARG B 46 6.76 -5.86 8.92
N VAL B 47 5.71 -5.47 9.63
CA VAL B 47 4.73 -6.47 10.01
C VAL B 47 3.44 -6.09 9.31
N PRO B 48 2.97 -6.96 8.40
CA PRO B 48 1.70 -6.67 7.73
C PRO B 48 0.59 -6.18 8.65
N ALA B 49 -0.25 -5.30 8.15
CA ALA B 49 -1.26 -4.66 8.99
C ALA B 49 -2.28 -5.67 9.52
N GLU B 50 -2.66 -6.64 8.70
CA GLU B 50 -3.65 -7.62 9.12
C GLU B 50 -3.10 -8.50 10.23
N ARG B 51 -1.79 -8.75 10.22
CA ARG B 51 -1.20 -9.49 11.31
C ARG B 51 -1.15 -8.66 12.59
N LEU B 52 -0.72 -7.39 12.48
CA LEU B 52 -0.62 -6.53 13.65
C LEU B 52 -1.95 -6.45 14.39
N THR B 53 -3.06 -6.45 13.66
CA THR B 53 -4.38 -6.18 14.23
C THR B 53 -5.29 -7.40 14.25
N GLY B 54 -5.00 -8.43 13.46
CA GLY B 54 -5.87 -9.58 13.39
C GLY B 54 -7.09 -9.41 12.52
N LEU B 55 -7.16 -8.33 11.76
CA LEU B 55 -8.32 -8.09 10.91
C LEU B 55 -8.39 -9.10 9.78
N GLU B 56 -9.61 -9.51 9.44
CA GLU B 56 -9.84 -10.43 8.35
C GLU B 56 -9.56 -9.73 7.01
N PRO B 57 -9.29 -10.49 5.95
CA PRO B 57 -9.16 -9.88 4.63
C PRO B 57 -10.49 -9.28 4.20
N GLY B 58 -10.43 -8.11 3.57
CA GLY B 58 -11.63 -7.39 3.20
C GLY B 58 -12.15 -6.45 4.27
N GLU B 59 -11.45 -6.31 5.38
CA GLU B 59 -11.87 -5.42 6.45
C GLU B 59 -11.07 -4.12 6.49
N LEU B 60 -10.05 -4.03 5.66
CA LEU B 60 -9.26 -2.82 5.62
C LEU B 60 -8.93 -2.32 4.24
N PHE B 61 -9.11 -1.03 4.02
CA PHE B 61 -8.68 -0.43 2.79
C PHE B 61 -7.28 0.03 3.11
N VAL B 62 -6.37 -0.19 2.18
CA VAL B 62 -4.97 0.13 2.46
C VAL B 62 -4.17 0.95 1.45
N HIS B 63 -3.44 1.93 1.94
CA HIS B 63 -2.52 2.63 1.07
C HIS B 63 -1.13 2.55 1.66
N ARG B 64 -0.09 2.43 0.82
CA ARG B 64 1.28 2.38 1.34
C ARG B 64 2.21 3.16 0.43
N ASN B 65 3.01 4.06 1.03
CA ASN B 65 4.05 4.78 0.34
C ASN B 65 5.29 4.85 1.24
N VAL B 66 6.39 5.38 0.71
CA VAL B 66 7.64 5.50 1.47
C VAL B 66 7.45 6.45 2.65
N ALA B 67 7.46 5.91 3.87
CA ALA B 67 7.35 6.65 5.12
C ALA B 67 5.94 7.15 5.44
N ASN B 68 4.92 6.46 4.94
CA ASN B 68 3.51 6.70 5.32
C ASN B 68 3.19 8.20 5.38
N LEU B 69 3.41 8.86 4.24
CA LEU B 69 3.13 10.29 4.12
C LEU B 69 1.71 10.55 3.65
N VAL B 70 1.19 11.70 4.08
CA VAL B 70 -0.08 12.25 3.61
C VAL B 70 0.25 13.67 3.17
N ILE B 71 0.65 13.84 1.94
CA ILE B 71 1.04 15.14 1.44
C ILE B 71 -0.18 15.87 0.92
N HIS B 72 -0.34 17.13 1.30
CA HIS B 72 -1.51 17.90 0.91
C HIS B 72 -1.90 17.83 -0.56
N THR B 73 -0.96 17.61 -1.45
CA THR B 73 -1.18 17.65 -2.89
C THR B 73 -0.69 16.39 -3.58
N ASP B 74 -0.63 15.27 -2.88
CA ASP B 74 -0.41 13.96 -3.49
C ASP B 74 -1.76 13.39 -3.89
N LEU B 75 -2.10 13.46 -5.17
CA LEU B 75 -3.42 13.00 -5.59
C LEU B 75 -3.59 11.49 -5.38
N ASN B 76 -2.49 10.74 -5.41
CA ASN B 76 -2.55 9.30 -5.19
C ASN B 76 -3.17 9.00 -3.82
N CYS B 77 -2.60 9.55 -2.75
CA CYS B 77 -3.11 9.24 -1.42
C CYS B 77 -4.47 9.90 -1.16
N LEU B 78 -4.62 11.14 -1.66
CA LEU B 78 -5.91 11.84 -1.57
C LEU B 78 -7.00 11.09 -2.30
N SER B 79 -6.66 10.43 -3.41
CA SER B 79 -7.69 9.63 -4.07
C SER B 79 -8.11 8.47 -3.19
N VAL B 80 -7.14 7.80 -2.55
CA VAL B 80 -7.46 6.70 -1.64
C VAL B 80 -8.33 7.20 -0.50
N VAL B 81 -7.93 8.30 0.11
CA VAL B 81 -8.68 8.84 1.25
C VAL B 81 -10.08 9.25 0.82
N GLN B 82 -10.20 9.93 -0.31
CA GLN B 82 -11.52 10.41 -0.72
C GLN B 82 -12.44 9.25 -1.04
N TYR B 83 -11.91 8.19 -1.65
CA TYR B 83 -12.71 7.02 -1.94
C TYR B 83 -13.13 6.31 -0.66
N ALA B 84 -12.19 6.18 0.30
CA ALA B 84 -12.51 5.53 1.57
C ALA B 84 -13.56 6.31 2.35
N VAL B 85 -13.48 7.64 2.35
CA VAL B 85 -14.37 8.41 3.22
C VAL B 85 -15.71 8.63 2.53
N ASP B 86 -15.70 8.94 1.24
CA ASP B 86 -16.92 9.34 0.57
C ASP B 86 -17.69 8.18 -0.02
N VAL B 87 -17.03 7.09 -0.40
CA VAL B 87 -17.69 5.97 -1.07
C VAL B 87 -17.83 4.78 -0.12
N LEU B 88 -16.70 4.26 0.39
CA LEU B 88 -16.75 3.19 1.38
C LEU B 88 -17.29 3.65 2.73
N GLU B 89 -17.10 4.93 3.06
CA GLU B 89 -17.50 5.52 4.35
C GLU B 89 -16.89 4.76 5.51
N VAL B 90 -15.56 4.56 5.44
CA VAL B 90 -14.84 4.09 6.60
C VAL B 90 -15.08 5.02 7.77
N GLU B 91 -15.06 4.44 8.97
CA GLU B 91 -15.22 5.19 10.21
C GLU B 91 -13.89 5.52 10.87
N HIS B 92 -12.83 4.75 10.60
CA HIS B 92 -11.54 5.04 11.21
C HIS B 92 -10.45 5.06 10.15
N ILE B 93 -9.58 6.04 10.26
CA ILE B 93 -8.36 6.06 9.48
C ILE B 93 -7.19 5.93 10.44
N ILE B 94 -6.25 5.08 10.09
CA ILE B 94 -5.08 4.82 10.92
C ILE B 94 -3.85 5.07 10.05
N ILE B 95 -3.05 6.05 10.45
CA ILE B 95 -1.73 6.24 9.91
C ILE B 95 -0.77 5.57 10.87
N CYS B 96 0.01 4.60 10.40
CA CYS B 96 0.91 3.83 11.25
C CYS B 96 2.34 3.95 10.73
N GLY B 97 3.21 4.53 11.55
CA GLY B 97 4.63 4.50 11.28
C GLY B 97 5.26 3.33 12.02
N HIS B 98 6.57 3.17 11.82
CA HIS B 98 7.28 2.09 12.48
C HIS B 98 8.68 2.57 12.80
N TYR B 99 9.15 2.25 14.01
CA TYR B 99 10.48 2.65 14.43
C TYR B 99 11.51 1.86 13.64
N GLY B 100 12.62 2.52 13.30
CA GLY B 100 13.61 1.94 12.43
C GLY B 100 13.33 2.13 10.96
N CYS B 101 12.29 2.88 10.61
CA CYS B 101 11.89 3.08 9.23
C CYS B 101 13.03 3.66 8.39
N GLY B 102 13.41 2.94 7.33
CA GLY B 102 14.50 3.37 6.47
C GLY B 102 14.23 4.64 5.69
N GLY B 103 12.96 4.94 5.43
CA GLY B 103 12.65 6.22 4.79
C GLY B 103 12.94 7.39 5.71
N VAL B 104 12.63 7.21 7.01
CA VAL B 104 12.94 8.25 7.98
C VAL B 104 14.44 8.34 8.22
N GLN B 105 15.12 7.21 8.29
CA GLN B 105 16.57 7.21 8.43
C GLN B 105 17.24 7.99 7.30
N ALA B 106 16.87 7.69 6.06
CA ALA B 106 17.51 8.33 4.91
C ALA B 106 17.13 9.80 4.78
N ALA B 107 15.94 10.20 5.22
CA ALA B 107 15.64 11.63 5.28
C ALA B 107 16.66 12.37 6.13
N VAL B 108 17.04 11.80 7.27
CA VAL B 108 17.98 12.45 8.16
C VAL B 108 19.40 12.34 7.64
N GLU B 109 19.85 11.11 7.37
CA GLU B 109 21.21 10.92 6.87
C GLU B 109 21.44 11.63 5.54
N ASN B 110 20.40 11.75 4.72
CA ASN B 110 20.41 12.48 3.46
C ASN B 110 21.45 11.99 2.45
N PRO B 111 21.52 10.70 2.14
CA PRO B 111 22.40 10.28 1.05
C PRO B 111 21.81 10.74 -0.27
N GLU B 112 22.66 10.75 -1.30
CA GLU B 112 22.19 11.16 -2.61
C GLU B 112 21.56 9.95 -3.29
N LEU B 113 20.27 9.72 -3.02
CA LEU B 113 19.63 8.50 -3.48
C LEU B 113 19.01 8.60 -4.87
N GLY B 114 18.67 9.81 -5.32
CA GLY B 114 17.98 9.99 -6.58
C GLY B 114 16.58 10.55 -6.37
N LEU B 115 15.63 10.09 -7.20
CA LEU B 115 14.30 10.70 -7.26
C LEU B 115 13.64 10.76 -5.89
N ILE B 116 13.88 9.73 -5.06
CA ILE B 116 13.20 9.64 -3.76
C ILE B 116 13.55 10.76 -2.79
N ASN B 117 14.70 11.45 -2.97
CA ASN B 117 15.04 12.49 -2.00
C ASN B 117 14.02 13.61 -2.00
N ASN B 118 13.31 13.83 -3.11
CA ASN B 118 12.27 14.86 -3.13
C ASN B 118 11.07 14.48 -2.27
N TRP B 119 10.63 13.21 -2.33
CA TRP B 119 9.62 12.74 -1.41
C TRP B 119 10.08 12.95 0.03
N LEU B 120 11.34 12.64 0.30
CA LEU B 120 11.86 12.67 1.65
C LEU B 120 12.06 14.07 2.18
N LEU B 121 11.98 15.10 1.33
CA LEU B 121 12.14 16.46 1.86
C LEU B 121 11.00 16.81 2.80
N HIS B 122 9.83 16.19 2.62
CA HIS B 122 8.71 16.43 3.52
C HIS B 122 9.03 15.95 4.93
N ILE B 123 9.83 14.90 5.04
CA ILE B 123 10.25 14.45 6.35
C ILE B 123 11.32 15.36 6.91
N ARG B 124 12.30 15.77 6.10
CA ARG B 124 13.31 16.71 6.57
C ARG B 124 12.66 18.01 7.02
N ASP B 125 11.54 18.39 6.45
CA ASP B 125 10.84 19.54 6.92
C ASP B 125 10.41 19.35 8.38
N ILE B 126 9.97 18.14 8.71
CA ILE B 126 9.52 17.88 10.08
C ILE B 126 10.72 17.87 11.03
N TRP B 127 11.84 17.32 10.57
CA TRP B 127 13.07 17.35 11.36
C TRP B 127 13.43 18.77 11.77
N PHE B 128 13.52 19.67 10.79
CA PHE B 128 13.89 21.06 11.08
C PHE B 128 12.83 21.76 11.94
N LYS B 129 11.56 21.51 11.71
CA LYS B 129 10.48 22.11 12.51
C LYS B 129 10.60 21.86 14.02
N HIS B 130 10.96 20.65 14.39
CA HIS B 130 11.08 20.30 15.78
C HIS B 130 12.55 20.16 16.18
N SER B 131 13.43 20.88 15.52
CA SER B 131 14.84 20.90 15.88
C SER B 131 15.13 21.09 17.37
N SER B 132 14.44 22.02 18.00
CA SER B 132 14.62 22.26 19.43
C SER B 132 14.14 21.11 20.27
N LEU B 133 12.93 20.66 20.02
CA LEU B 133 12.42 19.54 20.74
C LEU B 133 13.37 18.41 20.53
N LEU B 134 13.78 18.19 19.30
CA LEU B 134 14.61 17.01 19.07
C LEU B 134 15.97 17.14 19.76
N GLY B 135 16.44 18.36 19.99
CA GLY B 135 17.74 18.55 20.62
C GLY B 135 17.72 18.38 22.13
N GLU B 136 16.58 18.65 22.77
CA GLU B 136 16.49 18.44 24.21
C GLU B 136 16.52 16.97 24.60
N MET B 137 16.71 16.06 23.65
CA MET B 137 16.72 14.63 23.89
C MET B 137 18.09 14.03 23.63
N PRO B 138 18.38 12.86 24.20
CA PRO B 138 19.61 12.16 23.84
C PRO B 138 19.60 11.80 22.36
N GLN B 139 20.75 11.74 21.73
CA GLN B 139 20.82 11.48 20.27
C GLN B 139 20.19 10.18 19.83
N GLU B 140 20.38 9.12 20.59
CA GLU B 140 19.86 7.82 20.24
C GLU B 140 18.36 7.74 20.27
N ARG B 141 17.74 8.73 20.87
CA ARG B 141 16.30 8.75 20.96
C ARG B 141 15.70 9.58 19.87
N ARG B 142 16.51 10.29 19.10
CA ARG B 142 15.95 11.20 18.10
C ARG B 142 15.23 10.52 16.94
N LEU B 143 15.89 9.57 16.27
CA LEU B 143 15.29 8.97 15.10
C LEU B 143 13.89 8.46 15.36
N ASP B 144 13.69 7.88 16.53
CA ASP B 144 12.40 7.31 16.87
C ASP B 144 11.40 8.39 17.24
N THR B 145 11.88 9.47 17.85
CA THR B 145 11.00 10.60 18.06
C THR B 145 10.58 11.20 16.73
N LEU B 146 11.49 11.22 15.76
CA LEU B 146 11.15 11.73 14.43
C LEU B 146 10.11 10.84 13.76
N CYS B 147 10.24 9.52 13.92
CA CYS B 147 9.21 8.62 13.43
C CYS B 147 7.84 8.93 14.05
N GLU B 148 7.81 9.30 15.34
CA GLU B 148 6.53 9.68 15.96
C GLU B 148 6.09 11.06 15.50
N LEU B 149 7.02 12.01 15.37
CA LEU B 149 6.65 13.33 14.88
C LEU B 149 6.06 13.25 13.49
N ASN B 150 6.65 12.41 12.63
CA ASN B 150 6.13 12.24 11.29
C ASN B 150 4.65 11.84 11.33
N VAL B 151 4.35 10.67 11.91
CA VAL B 151 2.96 10.24 12.00
C VAL B 151 2.06 11.36 12.51
N MET B 152 2.51 12.05 13.55
CA MET B 152 1.65 13.10 14.13
C MET B 152 1.40 14.22 13.14
N GLU B 153 2.41 14.58 12.33
CA GLU B 153 2.22 15.61 11.31
C GLU B 153 1.36 15.12 10.16
N GLN B 154 1.46 13.84 9.80
CA GLN B 154 0.61 13.32 8.73
C GLN B 154 -0.84 13.29 9.16
N VAL B 155 -1.10 13.00 10.44
CA VAL B 155 -2.46 13.07 10.96
C VAL B 155 -2.97 14.49 10.88
N TYR B 156 -2.14 15.44 11.31
CA TYR B 156 -2.45 16.86 11.19
C TYR B 156 -2.79 17.21 9.74
N ASN B 157 -1.96 16.76 8.80
CA ASN B 157 -2.21 17.04 7.38
C ASN B 157 -3.51 16.41 6.92
N LEU B 158 -3.71 15.13 7.27
CA LEU B 158 -4.93 14.44 6.87
C LEU B 158 -6.16 15.20 7.35
N GLY B 159 -6.18 15.58 8.63
CA GLY B 159 -7.32 16.31 9.16
C GLY B 159 -7.58 17.61 8.43
N HIS B 160 -6.54 18.21 7.87
CA HIS B 160 -6.67 19.47 7.11
C HIS B 160 -7.11 19.30 5.66
N SER B 161 -7.06 18.09 5.10
CA SER B 161 -7.52 17.91 3.72
C SER B 161 -8.99 18.29 3.56
N THR B 162 -9.36 18.76 2.36
CA THR B 162 -10.76 19.12 2.12
C THR B 162 -11.68 17.93 2.31
N ILE B 163 -11.16 16.72 2.12
CA ILE B 163 -11.97 15.54 2.37
C ILE B 163 -12.38 15.50 3.84
N MET B 164 -11.40 15.58 4.74
CA MET B 164 -11.69 15.42 6.16
C MET B 164 -12.47 16.62 6.68
N GLN B 165 -12.15 17.80 6.18
CA GLN B 165 -12.90 18.99 6.54
C GLN B 165 -14.36 18.87 6.13
N SER B 166 -14.62 18.47 4.88
CA SER B 166 -16.01 18.31 4.46
C SER B 166 -16.75 17.23 5.25
N ALA B 167 -16.13 16.07 5.44
CA ALA B 167 -16.85 15.02 6.17
C ALA B 167 -17.17 15.46 7.60
N TRP B 168 -16.20 16.08 8.29
CA TRP B 168 -16.48 16.52 9.67
C TRP B 168 -17.55 17.61 9.69
N LYS B 169 -17.50 18.55 8.74
CA LYS B 169 -18.51 19.60 8.70
C LYS B 169 -19.89 19.06 8.37
N ARG B 170 -20.00 18.02 7.55
CA ARG B 170 -21.33 17.55 7.20
C ARG B 170 -21.84 16.48 8.16
N GLY B 171 -21.12 16.18 9.22
CA GLY B 171 -21.62 15.31 10.24
C GLY B 171 -21.21 13.85 10.15
N GLN B 172 -20.32 13.49 9.24
CA GLN B 172 -19.95 12.10 9.10
C GLN B 172 -18.95 11.71 10.17
N LYS B 173 -19.28 10.69 10.95
CA LYS B 173 -18.36 10.14 11.95
C LYS B 173 -17.19 9.49 11.23
N VAL B 174 -16.04 10.17 11.24
CA VAL B 174 -14.77 9.64 10.76
C VAL B 174 -13.73 10.02 11.81
N THR B 175 -13.12 9.01 12.43
CA THR B 175 -12.08 9.24 13.44
C THR B 175 -10.73 8.89 12.85
N ILE B 176 -9.72 9.72 13.12
CA ILE B 176 -8.37 9.54 12.59
C ILE B 176 -7.41 9.23 13.73
N HIS B 177 -6.54 8.23 13.52
CA HIS B 177 -5.61 7.77 14.56
C HIS B 177 -4.16 7.79 14.08
N GLY B 178 -3.26 7.99 15.04
CA GLY B 178 -1.86 7.95 14.71
C GLY B 178 -1.14 6.93 15.57
N TRP B 179 -0.59 5.89 14.95
CA TRP B 179 0.01 4.77 15.67
C TRP B 179 1.43 4.52 15.19
N ALA B 180 2.18 3.73 15.96
CA ALA B 180 3.49 3.26 15.54
C ALA B 180 3.84 1.97 16.28
N TYR B 181 4.74 1.19 15.69
CA TYR B 181 5.19 -0.03 16.32
C TYR B 181 6.66 -0.23 16.02
N GLY B 182 7.30 -1.08 16.84
CA GLY B 182 8.65 -1.52 16.62
C GLY B 182 8.76 -3.01 16.29
N ILE B 183 9.96 -3.38 15.87
CA ILE B 183 10.26 -4.75 15.45
C ILE B 183 10.48 -5.69 16.64
N HIS B 184 10.81 -5.15 17.81
CA HIS B 184 11.17 -6.01 18.94
C HIS B 184 9.96 -6.70 19.57
N ASP B 185 8.78 -6.10 19.48
CA ASP B 185 7.57 -6.78 19.93
C ASP B 185 6.37 -6.62 19.01
N GLY B 186 6.42 -5.77 17.99
CA GLY B 186 5.25 -5.52 17.18
C GLY B 186 4.10 -4.92 17.96
N LEU B 187 4.40 -4.40 19.16
CA LEU B 187 3.38 -3.77 19.97
C LEU B 187 2.95 -2.43 19.36
N LEU B 188 1.65 -2.27 19.14
CA LEU B 188 1.12 -1.00 18.68
C LEU B 188 1.24 0.04 19.78
N ARG B 189 1.50 1.27 19.38
CA ARG B 189 1.68 2.38 20.32
C ARG B 189 0.83 3.54 19.83
N ASP B 190 -0.17 3.91 20.62
CA ASP B 190 -1.02 5.04 20.28
C ASP B 190 -0.23 6.33 20.47
N LEU B 191 -0.11 7.12 19.42
CA LEU B 191 0.58 8.39 19.61
C LEU B 191 -0.31 9.44 20.26
N ASP B 192 -1.59 9.14 20.49
CA ASP B 192 -2.55 10.06 21.17
C ASP B 192 -2.84 11.35 20.45
N VAL B 193 -2.95 11.28 19.14
CA VAL B 193 -3.33 12.48 18.41
C VAL B 193 -4.64 12.20 17.70
N THR B 194 -5.46 11.35 18.31
CA THR B 194 -6.70 10.90 17.68
C THR B 194 -7.68 12.07 17.54
N ALA B 195 -8.29 12.20 16.37
CA ALA B 195 -9.15 13.33 16.07
C ALA B 195 -10.48 12.87 15.47
N THR B 196 -11.55 13.56 15.86
CA THR B 196 -12.91 13.26 15.40
C THR B 196 -13.62 14.48 14.83
N ASN B 197 -12.98 15.64 14.83
CA ASN B 197 -13.54 16.87 14.32
C ASN B 197 -12.43 17.92 14.37
N ARG B 198 -12.73 19.12 13.85
CA ARG B 198 -11.69 20.13 13.72
C ARG B 198 -11.08 20.46 15.09
N GLU B 199 -11.92 20.66 16.10
CA GLU B 199 -11.43 21.10 17.39
C GLU B 199 -10.46 20.08 18.01
N THR B 200 -10.80 18.78 17.93
CA THR B 200 -9.90 17.79 18.54
C THR B 200 -8.64 17.59 17.71
N LEU B 201 -8.75 17.73 16.39
CA LEU B 201 -7.56 17.71 15.53
C LEU B 201 -6.49 18.65 16.05
N GLU B 202 -6.87 19.89 16.35
CA GLU B 202 -5.89 20.89 16.76
C GLU B 202 -5.40 20.62 18.18
N GLN B 203 -6.32 20.31 19.10
CA GLN B 203 -5.94 20.17 20.50
C GLN B 203 -5.12 18.91 20.74
N ARG B 204 -5.44 17.82 20.04
CA ARG B 204 -4.66 16.60 20.23
C ARG B 204 -3.29 16.72 19.57
N TYR B 205 -3.22 17.34 18.40
CA TYR B 205 -1.93 17.60 17.79
C TYR B 205 -1.05 18.41 18.74
N ARG B 206 -1.55 19.57 19.17
CA ARG B 206 -0.80 20.41 20.08
C ARG B 206 -0.43 19.66 21.36
N HIS B 207 -1.36 18.86 21.89
CA HIS B 207 -1.05 18.04 23.06
C HIS B 207 0.01 17.00 22.74
N GLY B 208 0.02 16.47 21.51
CA GLY B 208 0.98 15.45 21.16
C GLY B 208 2.41 15.97 21.04
N ILE B 209 2.56 17.18 20.50
CA ILE B 209 3.89 17.79 20.47
C ILE B 209 4.29 18.23 21.86
N SER B 210 3.33 18.51 22.72
CA SER B 210 3.67 18.94 24.08
C SER B 210 4.18 17.78 24.91
N ASN B 211 3.60 16.59 24.74
CA ASN B 211 3.99 15.46 25.58
C ASN B 211 5.36 14.89 25.23
N LEU B 212 5.87 15.17 24.02
CA LEU B 212 7.24 14.74 23.75
C LEU B 212 8.27 15.65 24.40
N LYS B 213 7.88 16.88 24.73
CA LYS B 213 8.71 17.71 25.61
C LYS B 213 8.90 17.06 26.97
N LEU B 214 7.94 16.24 27.42
CA LEU B 214 7.96 15.67 28.77
C LEU B 214 9.26 14.91 29.04
N LYS B 215 9.52 13.85 28.29
CA LYS B 215 10.74 13.07 28.46
C LYS B 215 11.20 12.41 27.15
ZN ZN C . -9.32 -3.25 -6.34
ZN ZN D . 9.24 2.63 6.59
#